data_4Z1X
#
_entry.id   4Z1X
#
_cell.length_a   125.833
_cell.length_b   61.186
_cell.length_c   128.871
_cell.angle_alpha   90.000
_cell.angle_beta   116.300
_cell.angle_gamma   90.000
#
_symmetry.space_group_name_H-M   'C 1 2 1'
#
loop_
_entity.id
_entity.type
_entity.pdbx_description
1 polymer 'DNA (27-MER)'
2 polymer 'DNA (27-MER)'
3 polymer 'LAGLIDADG endonuclease'
4 non-polymer 'CALCIUM ION'
5 water water
#
loop_
_entity_poly.entity_id
_entity_poly.type
_entity_poly.pdbx_seq_one_letter_code
_entity_poly.pdbx_strand_id
1 'polydeoxyribonucleotide'
;(DG)(DG)(DA)(DT)(DG)(DG)(DG)(DT)(DA)(DC)(DC)(DA)(DT)(DA)(DT)(DT)(DG)(DG)(DT)(DA)
(DC)(DA)(DA)(DA)(DG)(DG)(DG)
;
C,E
2 'polydeoxyribonucleotide'
;(DC)(DC)(DT)(DT)(DT)(DG)(DT)(DA)(DC)(DC)(DA)(DA)(DT)(DA)(DT)(DG)(DG)(DT)(DA)(DC)
(DC)(DC)(DA)(DT)(DC)(DC)(DC)
;
D,F
3 'polypeptide(L)'
;DLSTSINPWFVTGFTDAEGSFMIHLEKNKDKWRVRPTFQIKLDIRDKSLLEEIKNYFNNTGSINTSNKECVYKVRSLKDI
SIIISHFDKYNLITQKKADFELFKKIINKLNSQEHLSYEVGATVLQEIISIRASMNLGLSSSVKEDFPHIIPSNRPLIEN
MNIPHPEWMAGFVSGEGSFSVYTTSDDKYVSLSFRVSQHNKDKQLLKSFVDFFGCGGFNYHNKGNKAVIFVTRKFEDIND
KIIPLFNEYKIKGVKYKDFKDWSKVAKMIESKSHLTTNGYKEICKIKENMNSYRKSSVN
;
A,B
#
loop_
_chem_comp.id
_chem_comp.type
_chem_comp.name
_chem_comp.formula
CA non-polymer 'CALCIUM ION' 'Ca 2'
DA DNA linking 2'-DEOXYADENOSINE-5'-MONOPHOSPHATE 'C10 H14 N5 O6 P'
DC DNA linking 2'-DEOXYCYTIDINE-5'-MONOPHOSPHATE 'C9 H14 N3 O7 P'
DG DNA linking 2'-DEOXYGUANOSINE-5'-MONOPHOSPHATE 'C10 H14 N5 O7 P'
DT DNA linking THYMIDINE-5'-MONOPHOSPHATE 'C10 H15 N2 O8 P'
#
# COMPACT_ATOMS: atom_id res chain seq x y z
N SER E 5 -33.85 8.07 -2.17
CA SER E 5 -33.10 9.20 -2.81
C SER E 5 -32.32 10.10 -1.81
N ILE E 6 -31.27 10.69 -2.34
CA ILE E 6 -30.27 11.39 -1.55
C ILE E 6 -30.80 12.62 -0.79
N ASN E 7 -30.54 12.68 0.50
CA ASN E 7 -30.96 13.79 1.35
C ASN E 7 -30.25 15.11 1.05
N PRO E 8 -30.98 16.22 1.11
CA PRO E 8 -30.34 17.47 0.69
C PRO E 8 -29.22 17.94 1.58
N TRP E 9 -29.25 17.65 2.87
CA TRP E 9 -28.12 18.00 3.75
C TRP E 9 -26.90 17.13 3.53
N PHE E 10 -27.11 15.92 3.02
CA PHE E 10 -26.01 15.08 2.61
C PHE E 10 -25.26 15.75 1.47
N VAL E 11 -26.02 16.27 0.51
CA VAL E 11 -25.47 16.93 -0.67
C VAL E 11 -24.66 18.15 -0.28
N THR E 12 -25.13 18.87 0.72
CA THR E 12 -24.41 20.02 1.21
C THR E 12 -23.17 19.60 1.95
N GLY E 13 -23.28 18.64 2.85
CA GLY E 13 -22.11 18.12 3.57
C GLY E 13 -21.04 17.62 2.60
N PHE E 14 -21.44 16.85 1.62
CA PHE E 14 -20.50 16.41 0.62
C PHE E 14 -19.87 17.55 -0.19
N THR E 15 -20.60 18.64 -0.43
CA THR E 15 -20.06 19.78 -1.14
C THR E 15 -19.09 20.59 -0.27
N ASP E 16 -19.35 20.73 1.04
CA ASP E 16 -18.41 21.41 1.92
C ASP E 16 -17.08 20.70 1.89
N ALA E 17 -17.14 19.37 1.71
CA ALA E 17 -15.93 18.53 1.63
C ALA E 17 -15.23 18.55 0.28
N GLU E 18 -15.96 18.36 -0.81
CA GLU E 18 -15.33 18.12 -2.11
C GLU E 18 -15.72 19.04 -3.28
N GLY E 19 -16.58 20.03 -3.06
CA GLY E 19 -17.10 20.83 -4.18
C GLY E 19 -16.32 22.09 -4.43
N SER E 20 -16.67 22.81 -5.49
CA SER E 20 -16.00 24.07 -5.83
C SER E 20 -16.90 25.04 -6.51
N PHE E 21 -16.77 26.30 -6.13
CA PHE E 21 -17.46 27.39 -6.80
C PHE E 21 -16.42 28.29 -7.36
N MET E 22 -16.32 28.31 -8.69
CA MET E 22 -15.23 28.99 -9.35
C MET E 22 -15.71 29.99 -10.36
N ILE E 23 -14.95 31.05 -10.48
CA ILE E 23 -15.10 31.99 -11.56
C ILE E 23 -13.74 32.13 -12.20
N HIS E 24 -13.69 31.94 -13.51
CA HIS E 24 -12.48 32.09 -14.26
C HIS E 24 -12.65 33.14 -15.32
N LEU E 25 -11.55 33.79 -15.68
CA LEU E 25 -11.57 34.81 -16.71
C LEU E 25 -10.69 34.36 -17.84
N GLU E 26 -11.16 34.43 -19.08
CA GLU E 26 -10.22 34.20 -20.16
C GLU E 26 -10.21 35.33 -21.14
N LYS E 27 -9.01 35.61 -21.68
CA LYS E 27 -8.83 36.62 -22.72
C LYS E 27 -9.28 36.00 -24.04
N ASN E 28 -9.94 36.82 -24.84
CA ASN E 28 -10.43 36.45 -26.15
C ASN E 28 -10.16 37.68 -27.04
N LYS E 29 -8.88 37.83 -27.40
CA LYS E 29 -8.36 38.94 -28.20
C LYS E 29 -9.08 40.26 -27.90
N ASP E 30 -8.63 40.95 -26.85
CA ASP E 30 -9.17 42.29 -26.48
C ASP E 30 -10.66 42.25 -26.01
N LYS E 31 -11.04 41.14 -25.37
CA LYS E 31 -12.25 41.03 -24.54
C LYS E 31 -11.94 39.94 -23.51
N TRP E 32 -12.51 40.07 -22.32
CA TRP E 32 -12.39 39.03 -21.30
C TRP E 32 -13.73 38.35 -21.06
N ARG E 33 -13.73 37.03 -21.02
CA ARG E 33 -14.94 36.29 -20.79
C ARG E 33 -14.97 35.92 -19.32
N VAL E 34 -16.17 35.86 -18.75
CA VAL E 34 -16.33 35.40 -17.39
C VAL E 34 -16.98 34.01 -17.38
N ARG E 35 -16.26 33.02 -16.90
CA ARG E 35 -16.72 31.65 -16.96
C ARG E 35 -17.00 31.14 -15.56
N PRO E 36 -18.25 30.96 -15.19
CA PRO E 36 -18.52 30.38 -13.88
C PRO E 36 -18.58 28.89 -13.99
N THR E 37 -18.18 28.20 -12.94
CA THR E 37 -18.37 26.75 -12.90
C THR E 37 -18.50 26.23 -11.49
N PHE E 38 -19.39 25.29 -11.29
CA PHE E 38 -19.52 24.54 -10.06
C PHE E 38 -19.00 23.17 -10.35
N GLN E 39 -18.20 22.59 -9.46
CA GLN E 39 -17.47 21.38 -9.79
C GLN E 39 -17.32 20.42 -8.66
N ILE E 40 -17.52 19.14 -8.94
CA ILE E 40 -17.10 18.06 -8.06
C ILE E 40 -16.24 17.05 -8.85
N LYS E 41 -15.04 16.80 -8.37
CA LYS E 41 -14.11 15.82 -8.94
C LYS E 41 -13.69 14.75 -7.95
N LEU E 42 -13.90 13.49 -8.31
CA LEU E 42 -13.54 12.36 -7.46
C LEU E 42 -12.69 11.38 -8.22
N ASP E 43 -12.08 10.44 -7.51
CA ASP E 43 -11.48 9.28 -8.18
C ASP E 43 -12.60 8.47 -8.86
N ILE E 44 -12.21 7.78 -9.93
CA ILE E 44 -13.15 7.14 -10.86
C ILE E 44 -14.00 6.01 -10.23
N ARG E 45 -13.50 5.37 -9.19
CA ARG E 45 -14.31 4.42 -8.44
C ARG E 45 -15.58 5.00 -7.81
N ASP E 46 -15.78 6.31 -7.83
CA ASP E 46 -17.00 6.91 -7.26
C ASP E 46 -17.87 7.62 -8.27
N LYS E 47 -17.69 7.29 -9.56
CA LYS E 47 -18.55 7.81 -10.63
C LYS E 47 -20.04 7.69 -10.26
N SER E 48 -20.36 6.59 -9.61
CA SER E 48 -21.72 6.23 -9.27
C SER E 48 -22.38 7.26 -8.34
N LEU E 49 -21.69 7.63 -7.29
CA LEU E 49 -22.14 8.71 -6.39
C LEU E 49 -22.26 10.06 -7.10
N LEU E 50 -21.34 10.38 -8.01
CA LEU E 50 -21.48 11.56 -8.84
C LEU E 50 -22.75 11.54 -9.66
N GLU E 51 -23.08 10.37 -10.20
CA GLU E 51 -24.31 10.23 -10.96
C GLU E 51 -25.48 10.55 -10.05
N GLU E 52 -25.46 10.10 -8.80
CA GLU E 52 -26.60 10.37 -7.90
C GLU E 52 -26.77 11.86 -7.60
N ILE E 53 -25.65 12.56 -7.46
CA ILE E 53 -25.65 14.01 -7.22
C ILE E 53 -26.15 14.75 -8.47
N LYS E 54 -25.60 14.47 -9.63
CA LYS E 54 -26.04 15.13 -10.87
C LYS E 54 -27.52 14.97 -11.03
N ASN E 55 -27.97 13.79 -10.69
CA ASN E 55 -29.36 13.49 -10.71
C ASN E 55 -30.15 14.35 -9.78
N TYR E 56 -29.66 14.48 -8.55
CA TYR E 56 -30.30 15.33 -7.56
C TYR E 56 -30.47 16.73 -8.15
N PHE E 57 -29.49 17.23 -8.89
CA PHE E 57 -29.61 18.55 -9.50
C PHE E 57 -30.28 18.55 -10.91
N ASN E 58 -31.37 17.80 -11.07
CA ASN E 58 -32.12 17.81 -12.33
C ASN E 58 -31.25 17.52 -13.56
N ASN E 59 -30.27 16.64 -13.40
CA ASN E 59 -29.35 16.34 -14.47
C ASN E 59 -28.80 17.53 -15.23
N THR E 60 -28.57 18.63 -14.53
CA THR E 60 -27.84 19.74 -15.14
C THR E 60 -26.37 19.38 -15.24
N GLY E 61 -25.67 20.01 -16.18
CA GLY E 61 -24.23 19.84 -16.31
C GLY E 61 -23.82 18.54 -16.92
N SER E 62 -22.55 18.19 -16.83
CA SER E 62 -22.05 16.99 -17.46
C SER E 62 -20.94 16.33 -16.69
N ILE E 63 -20.92 15.01 -16.72
CA ILE E 63 -19.82 14.25 -16.18
C ILE E 63 -18.85 13.90 -17.29
N ASN E 64 -17.57 13.89 -16.97
CA ASN E 64 -16.49 13.49 -17.87
C ASN E 64 -15.56 12.62 -17.08
N THR E 65 -14.81 11.79 -17.78
CA THR E 65 -14.07 10.71 -17.13
C THR E 65 -12.73 10.52 -17.83
N SER E 66 -11.69 10.26 -17.06
CA SER E 66 -10.34 10.09 -17.61
C SER E 66 -9.50 8.98 -16.93
N ASN E 67 -10.00 7.75 -16.95
CA ASN E 67 -9.23 6.56 -16.49
C ASN E 67 -8.87 6.54 -14.99
N LYS E 68 -8.51 7.68 -14.41
CA LYS E 68 -8.25 7.77 -12.96
C LYS E 68 -9.28 8.68 -12.23
N GLU E 69 -9.73 9.77 -12.86
CA GLU E 69 -10.67 10.72 -12.24
C GLU E 69 -11.99 10.85 -12.99
N CYS E 70 -13.00 11.42 -12.35
CA CYS E 70 -14.23 11.82 -13.04
C CYS E 70 -14.75 13.14 -12.48
N VAL E 71 -15.42 13.93 -13.31
CA VAL E 71 -15.70 15.32 -12.98
C VAL E 71 -17.10 15.67 -13.35
N TYR E 72 -17.82 16.28 -12.43
CA TYR E 72 -19.10 16.88 -12.70
C TYR E 72 -18.87 18.37 -12.81
N LYS E 73 -19.28 18.99 -13.89
CA LYS E 73 -19.17 20.44 -14.04
C LYS E 73 -20.51 20.99 -14.48
N VAL E 74 -20.95 22.08 -13.83
CA VAL E 74 -22.10 22.87 -14.25
C VAL E 74 -21.60 24.25 -14.60
N ARG E 75 -21.78 24.66 -15.86
CA ARG E 75 -21.10 25.83 -16.43
C ARG E 75 -22.00 26.86 -17.11
N SER E 76 -23.24 26.52 -17.40
CA SER E 76 -24.17 27.48 -18.02
C SER E 76 -24.97 28.23 -16.98
N LEU E 77 -25.33 29.45 -17.30
CA LEU E 77 -25.97 30.31 -16.35
C LEU E 77 -27.38 29.81 -16.02
N LYS E 78 -28.08 29.22 -16.99
CA LYS E 78 -29.41 28.66 -16.71
C LYS E 78 -29.28 27.54 -15.65
N ASP E 79 -28.48 26.53 -15.97
CA ASP E 79 -28.22 25.36 -15.10
C ASP E 79 -27.78 25.76 -13.70
N ILE E 80 -26.92 26.78 -13.60
CA ILE E 80 -26.38 27.23 -12.30
C ILE E 80 -27.44 27.77 -11.34
N SER E 81 -28.53 28.33 -11.86
CA SER E 81 -29.56 28.86 -11.01
C SER E 81 -30.10 27.82 -10.03
N ILE E 82 -30.21 26.57 -10.47
CA ILE E 82 -30.82 25.54 -9.63
C ILE E 82 -29.85 25.07 -8.55
N ILE E 83 -28.57 25.10 -8.88
CA ILE E 83 -27.52 24.82 -7.91
C ILE E 83 -27.59 25.86 -6.81
N ILE E 84 -27.68 27.13 -7.20
CA ILE E 84 -27.78 28.22 -6.25
C ILE E 84 -29.01 28.10 -5.37
N SER E 85 -30.16 27.71 -5.91
CA SER E 85 -31.36 27.48 -5.05
C SER E 85 -31.09 26.50 -3.94
N HIS E 86 -30.35 25.45 -4.25
CA HIS E 86 -30.13 24.42 -3.26
C HIS E 86 -29.37 25.00 -2.08
N PHE E 87 -28.24 25.65 -2.39
CA PHE E 87 -27.33 26.10 -1.35
C PHE E 87 -27.79 27.31 -0.58
N ASP E 88 -28.79 28.02 -1.12
CA ASP E 88 -29.56 29.03 -0.39
C ASP E 88 -30.49 28.41 0.60
N LYS E 89 -31.14 27.31 0.25
CA LYS E 89 -32.01 26.65 1.21
C LYS E 89 -31.25 25.78 2.21
N TYR E 90 -30.18 25.14 1.79
CA TYR E 90 -29.36 24.27 2.63
C TYR E 90 -27.95 24.78 2.60
N ASN E 91 -27.59 25.65 3.54
CA ASN E 91 -26.38 26.44 3.44
C ASN E 91 -25.13 25.68 3.84
N LEU E 92 -24.04 25.94 3.10
CA LEU E 92 -22.68 25.51 3.47
C LEU E 92 -22.27 26.05 4.83
N ILE E 93 -21.39 25.34 5.53
CA ILE E 93 -20.87 25.87 6.79
C ILE E 93 -19.34 25.95 6.88
N THR E 94 -18.61 25.45 5.88
CA THR E 94 -17.16 25.60 5.87
C THR E 94 -16.85 26.92 5.24
N GLN E 95 -15.57 27.25 5.13
CA GLN E 95 -15.19 28.49 4.46
C GLN E 95 -15.63 28.53 3.01
N LYS E 96 -16.02 27.38 2.48
CA LYS E 96 -16.55 27.29 1.13
C LYS E 96 -17.79 28.13 0.99
N LYS E 97 -18.49 28.39 2.09
CA LYS E 97 -19.60 29.33 2.10
C LYS E 97 -19.23 30.68 1.51
N ALA E 98 -18.03 31.13 1.78
CA ALA E 98 -17.61 32.46 1.34
C ALA E 98 -17.33 32.50 -0.15
N ASP E 99 -16.63 31.52 -0.68
CA ASP E 99 -16.52 31.38 -2.13
C ASP E 99 -17.89 31.22 -2.78
N PHE E 100 -18.83 30.59 -2.10
CA PHE E 100 -20.17 30.53 -2.64
C PHE E 100 -20.88 31.89 -2.68
N GLU E 101 -20.77 32.68 -1.61
CA GLU E 101 -21.35 34.03 -1.58
C GLU E 101 -20.75 34.90 -2.68
N LEU E 102 -19.43 34.92 -2.77
CA LEU E 102 -18.78 35.71 -3.82
C LEU E 102 -19.24 35.28 -5.23
N PHE E 103 -19.22 33.97 -5.47
CA PHE E 103 -19.79 33.34 -6.68
C PHE E 103 -21.21 33.81 -6.98
N LYS E 104 -22.07 33.78 -5.97
CA LYS E 104 -23.45 34.21 -6.13
C LYS E 104 -23.51 35.67 -6.59
N LYS E 105 -22.68 36.54 -6.02
CA LYS E 105 -22.63 37.93 -6.43
C LYS E 105 -22.29 38.12 -7.91
N ILE E 106 -21.22 37.49 -8.34
CA ILE E 106 -20.86 37.57 -9.73
C ILE E 106 -21.99 37.03 -10.61
N ILE E 107 -22.55 35.86 -10.28
CA ILE E 107 -23.65 35.33 -11.07
C ILE E 107 -24.76 36.37 -11.23
N ASN E 108 -25.09 37.08 -10.15
CA ASN E 108 -26.16 38.06 -10.22
C ASN E 108 -25.81 39.18 -11.17
N LYS E 109 -24.57 39.64 -11.14
CA LYS E 109 -24.12 40.67 -12.08
C LYS E 109 -24.32 40.17 -13.50
N LEU E 110 -23.92 38.95 -13.77
CA LEU E 110 -24.03 38.41 -15.11
C LEU E 110 -25.47 38.29 -15.55
N ASN E 111 -26.38 37.91 -14.66
CA ASN E 111 -27.81 37.82 -15.02
C ASN E 111 -28.42 39.18 -15.27
N SER E 112 -28.03 40.17 -14.47
CA SER E 112 -28.50 41.52 -14.68
C SER E 112 -28.12 41.97 -16.10
N GLN E 113 -27.04 41.40 -16.63
CA GLN E 113 -26.60 41.54 -18.03
C GLN E 113 -25.73 42.77 -18.26
N GLU E 114 -25.42 43.48 -17.18
CA GLU E 114 -24.57 44.68 -17.22
C GLU E 114 -23.14 44.51 -17.83
N HIS E 115 -22.69 43.27 -18.09
CA HIS E 115 -21.36 42.97 -18.65
C HIS E 115 -21.40 43.01 -20.18
N LEU E 116 -22.58 43.29 -20.73
CA LEU E 116 -22.79 43.54 -22.17
C LEU E 116 -23.15 44.99 -22.58
N SER E 117 -23.47 45.85 -21.62
CA SER E 117 -23.73 47.26 -21.93
C SER E 117 -22.46 47.94 -22.46
N TYR E 118 -22.61 48.86 -23.41
CA TYR E 118 -21.48 49.64 -23.91
C TYR E 118 -21.12 50.77 -22.94
N GLU E 119 -22.13 51.39 -22.34
CA GLU E 119 -21.93 52.36 -21.25
C GLU E 119 -21.87 51.57 -19.95
N VAL E 120 -20.95 51.96 -19.06
CA VAL E 120 -20.72 51.28 -17.77
C VAL E 120 -20.68 49.74 -17.84
N GLY E 121 -20.08 49.21 -18.90
CA GLY E 121 -19.83 47.76 -19.06
C GLY E 121 -18.40 47.27 -18.84
N ALA E 122 -17.43 48.20 -18.77
CA ALA E 122 -16.07 47.89 -18.32
C ALA E 122 -15.94 47.99 -16.78
N THR E 123 -16.91 48.70 -16.18
CA THR E 123 -17.00 48.83 -14.72
C THR E 123 -17.48 47.54 -14.05
N VAL E 124 -18.42 46.87 -14.70
CA VAL E 124 -18.89 45.59 -14.22
C VAL E 124 -17.73 44.59 -14.20
N LEU E 125 -16.88 44.66 -15.21
CA LEU E 125 -15.78 43.73 -15.33
C LEU E 125 -14.80 43.92 -14.18
N GLN E 126 -14.50 45.17 -13.87
CA GLN E 126 -13.64 45.46 -12.74
C GLN E 126 -14.24 45.04 -11.39
N GLU E 127 -15.56 45.21 -11.23
CA GLU E 127 -16.26 44.74 -10.03
C GLU E 127 -16.09 43.24 -9.95
N ILE E 128 -16.31 42.56 -11.07
CA ILE E 128 -16.17 41.12 -11.09
C ILE E 128 -14.74 40.70 -10.80
N ILE E 129 -13.76 41.32 -11.46
CA ILE E 129 -12.37 40.98 -11.16
C ILE E 129 -12.00 41.26 -9.70
N SER E 130 -12.58 42.31 -9.15
CA SER E 130 -12.35 42.62 -7.77
C SER E 130 -12.84 41.49 -6.85
N ILE E 131 -14.04 40.99 -7.13
CA ILE E 131 -14.60 39.84 -6.41
C ILE E 131 -13.84 38.53 -6.73
N ARG E 132 -13.58 38.25 -8.00
CA ARG E 132 -12.81 37.04 -8.38
C ARG E 132 -11.51 36.97 -7.61
N ALA E 133 -10.95 38.13 -7.30
CA ALA E 133 -9.66 38.20 -6.64
C ALA E 133 -9.64 37.64 -5.26
N SER E 134 -10.77 37.62 -4.57
CA SER E 134 -10.86 37.03 -3.22
C SER E 134 -11.48 35.61 -3.16
N MET E 135 -11.50 34.93 -4.30
CA MET E 135 -12.05 33.59 -4.44
C MET E 135 -10.94 32.58 -4.68
N ASN E 136 -11.04 31.41 -4.07
CA ASN E 136 -10.21 30.27 -4.40
C ASN E 136 -8.73 30.69 -4.46
N LEU E 137 -8.05 30.58 -5.61
CA LEU E 137 -6.63 30.95 -5.66
C LEU E 137 -6.40 32.37 -6.14
N GLY E 138 -7.44 33.18 -6.14
CA GLY E 138 -7.32 34.58 -6.56
C GLY E 138 -6.91 34.75 -7.99
N LEU E 139 -6.46 35.95 -8.31
CA LEU E 139 -6.05 36.31 -9.66
C LEU E 139 -4.77 35.62 -10.03
N SER E 140 -4.70 35.18 -11.28
CA SER E 140 -3.47 34.72 -11.87
C SER E 140 -2.54 35.89 -12.01
N SER E 141 -1.26 35.60 -12.16
CA SER E 141 -0.26 36.65 -12.36
C SER E 141 -0.47 37.35 -13.72
N SER E 142 -0.97 36.62 -14.72
CA SER E 142 -1.27 37.19 -16.02
C SER E 142 -2.33 38.28 -15.85
N VAL E 143 -3.47 37.95 -15.26
CA VAL E 143 -4.54 38.94 -15.09
C VAL E 143 -4.05 40.04 -14.18
N LYS E 144 -3.24 39.69 -13.19
CA LYS E 144 -2.71 40.70 -12.28
C LYS E 144 -1.86 41.74 -13.01
N GLU E 145 -1.10 41.32 -14.03
CA GLU E 145 -0.33 42.25 -14.87
C GLU E 145 -1.26 43.19 -15.63
N ASP E 146 -2.37 42.67 -16.16
CA ASP E 146 -3.33 43.49 -16.92
C ASP E 146 -4.26 44.37 -16.10
N PHE E 147 -4.32 44.14 -14.79
CA PHE E 147 -5.14 44.95 -13.89
C PHE E 147 -4.38 45.17 -12.60
N PRO E 148 -3.32 46.00 -12.64
CA PRO E 148 -2.49 46.16 -11.45
C PRO E 148 -3.11 46.86 -10.25
N HIS E 149 -4.14 47.68 -10.44
CA HIS E 149 -4.62 48.51 -9.32
C HIS E 149 -5.98 48.08 -8.83
N ILE E 150 -6.31 46.81 -9.02
CA ILE E 150 -7.57 46.31 -8.52
C ILE E 150 -7.42 45.90 -7.06
N ILE E 151 -8.35 46.38 -6.24
CA ILE E 151 -8.36 46.04 -4.82
C ILE E 151 -9.35 44.89 -4.61
N PRO E 152 -8.88 43.74 -4.13
CA PRO E 152 -9.82 42.67 -3.88
C PRO E 152 -10.95 43.09 -2.95
N SER E 153 -12.13 42.50 -3.17
CA SER E 153 -13.29 42.70 -2.31
C SER E 153 -13.05 42.03 -0.98
N ASN E 154 -13.84 42.43 0.01
CA ASN E 154 -13.85 41.77 1.32
C ASN E 154 -14.40 40.38 1.22
N ARG E 155 -13.60 39.41 1.69
CA ARG E 155 -14.02 38.03 1.77
C ARG E 155 -14.92 37.90 3.01
N PRO E 156 -16.16 37.43 2.83
CA PRO E 156 -17.05 37.39 3.98
C PRO E 156 -16.54 36.44 5.05
N LEU E 157 -16.71 36.77 6.31
CA LEU E 157 -16.27 35.92 7.42
C LEU E 157 -17.25 34.80 7.65
N ILE E 158 -16.72 33.62 7.93
CA ILE E 158 -17.53 32.47 8.25
C ILE E 158 -17.12 31.96 9.63
N GLU E 159 -17.91 32.34 10.63
CA GLU E 159 -17.58 32.13 12.04
C GLU E 159 -18.75 31.52 12.79
N ASN E 160 -18.45 30.85 13.89
CA ASN E 160 -19.47 30.30 14.80
C ASN E 160 -20.60 29.57 14.06
N MET E 161 -20.23 28.64 13.18
CA MET E 161 -21.20 27.88 12.40
C MET E 161 -21.49 26.57 13.07
N ASN E 162 -22.76 26.22 13.17
CA ASN E 162 -23.18 24.94 13.75
C ASN E 162 -23.46 23.87 12.69
N ILE E 163 -23.25 22.63 13.06
CA ILE E 163 -23.60 21.50 12.21
C ILE E 163 -25.12 21.44 12.15
N PRO E 164 -25.68 21.67 10.96
CA PRO E 164 -27.11 21.85 10.88
C PRO E 164 -27.97 20.60 11.00
N HIS E 165 -27.38 19.40 10.93
CA HIS E 165 -28.17 18.16 10.75
C HIS E 165 -27.23 16.96 10.58
N PRO E 166 -27.56 15.82 11.19
CA PRO E 166 -26.61 14.69 11.13
C PRO E 166 -26.25 14.20 9.71
N GLU E 167 -27.21 14.30 8.83
CA GLU E 167 -27.04 14.00 7.44
C GLU E 167 -25.97 14.89 6.74
N TRP E 168 -25.73 16.11 7.24
CA TRP E 168 -24.59 16.91 6.78
C TRP E 168 -23.27 16.20 7.10
N MET E 169 -23.15 15.69 8.31
CA MET E 169 -21.95 15.01 8.75
C MET E 169 -21.73 13.75 7.96
N ALA E 170 -22.81 13.07 7.57
CA ALA E 170 -22.66 11.88 6.72
C ALA E 170 -22.12 12.27 5.35
N GLY E 171 -22.64 13.36 4.80
CA GLY E 171 -22.13 13.87 3.53
C GLY E 171 -20.69 14.30 3.66
N PHE E 172 -20.39 15.03 4.70
CA PHE E 172 -19.05 15.54 4.85
C PHE E 172 -18.00 14.43 5.03
N VAL E 173 -18.32 13.46 5.87
CA VAL E 173 -17.42 12.35 6.15
C VAL E 173 -17.28 11.41 4.94
N SER E 174 -18.36 11.26 4.18
CA SER E 174 -18.27 10.56 2.91
C SER E 174 -17.22 11.18 2.05
N GLY E 175 -17.04 12.50 2.20
CA GLY E 175 -15.93 13.23 1.56
C GLY E 175 -14.54 13.21 2.23
N GLU E 176 -14.45 13.56 3.53
CA GLU E 176 -13.13 13.74 4.19
C GLU E 176 -12.81 12.75 5.33
N GLY E 177 -13.70 11.83 5.64
CA GLY E 177 -13.41 10.90 6.73
C GLY E 177 -12.37 9.83 6.43
N SER E 178 -11.87 9.19 7.47
CA SER E 178 -10.99 8.09 7.26
C SER E 178 -11.10 7.08 8.37
N PHE E 179 -11.31 5.83 8.01
CA PHE E 179 -11.46 4.73 8.96
C PHE E 179 -10.21 3.79 8.94
N SER E 180 -9.55 3.62 10.07
CA SER E 180 -8.29 2.89 10.12
C SER E 180 -8.31 1.70 11.05
N VAL E 181 -7.51 0.71 10.72
CA VAL E 181 -7.29 -0.42 11.62
C VAL E 181 -5.80 -0.53 11.80
N TYR E 182 -5.33 -0.38 13.02
CA TYR E 182 -3.94 -0.66 13.28
C TYR E 182 -3.74 -2.05 13.92
N THR E 183 -2.78 -2.79 13.39
CA THR E 183 -2.26 -4.00 14.01
C THR E 183 -0.81 -3.73 14.36
N THR E 184 -0.37 -4.23 15.52
CA THR E 184 1.03 -4.07 15.91
C THR E 184 1.93 -5.01 15.10
N SER E 185 3.18 -4.58 14.91
CA SER E 185 4.19 -5.36 14.20
C SER E 185 4.48 -6.67 14.94
N ASP E 186 4.56 -6.57 16.27
CA ASP E 186 4.60 -7.76 17.15
C ASP E 186 3.35 -8.67 17.07
N ASP E 187 2.33 -8.21 16.35
CA ASP E 187 1.09 -8.97 16.12
C ASP E 187 0.28 -9.30 17.38
N LYS E 188 0.51 -8.54 18.47
CA LYS E 188 -0.23 -8.76 19.71
C LYS E 188 -1.50 -7.95 19.72
N TYR E 189 -1.45 -6.68 19.32
CA TYR E 189 -2.62 -5.78 19.54
C TYR E 189 -3.24 -5.17 18.28
N VAL E 190 -4.50 -4.81 18.44
CA VAL E 190 -5.31 -4.26 17.38
C VAL E 190 -5.98 -2.97 17.89
N SER E 191 -6.09 -1.94 17.08
CA SER E 191 -6.93 -0.82 17.51
C SER E 191 -7.53 -0.06 16.33
N LEU E 192 -8.51 0.79 16.60
CA LEU E 192 -9.21 1.51 15.53
C LEU E 192 -9.07 3.01 15.65
N SER E 193 -9.26 3.72 14.55
CA SER E 193 -9.35 5.14 14.61
C SER E 193 -10.24 5.70 13.54
N PHE E 194 -10.96 6.75 13.88
CA PHE E 194 -11.76 7.49 12.96
C PHE E 194 -11.19 8.88 12.95
N ARG E 195 -10.77 9.39 11.81
CA ARG E 195 -10.13 10.70 11.72
C ARG E 195 -10.78 11.53 10.65
N VAL E 196 -10.86 12.84 10.90
CA VAL E 196 -11.24 13.80 9.88
C VAL E 196 -10.27 14.95 9.92
N SER E 197 -9.70 15.27 8.77
CA SER E 197 -8.76 16.38 8.71
C SER E 197 -9.31 17.54 7.91
N GLN E 198 -8.77 18.72 8.14
CA GLN E 198 -9.15 19.92 7.39
C GLN E 198 -8.09 21.00 7.52
N HIS E 199 -8.11 21.93 6.57
CA HIS E 199 -7.26 23.10 6.65
C HIS E 199 -7.57 23.88 7.92
N ASN E 200 -6.55 24.54 8.43
CA ASN E 200 -6.61 25.29 9.67
C ASN E 200 -7.62 26.45 9.64
N LYS E 201 -7.94 26.94 8.45
CA LYS E 201 -8.98 27.94 8.30
C LYS E 201 -10.35 27.44 8.80
N ASP E 202 -10.50 26.16 9.09
CA ASP E 202 -11.73 25.69 9.71
C ASP E 202 -11.48 24.93 11.02
N LYS E 203 -10.48 25.37 11.78
CA LYS E 203 -10.18 24.81 13.09
C LYS E 203 -11.39 24.88 14.02
N GLN E 204 -12.13 25.99 14.00
CA GLN E 204 -13.25 26.19 14.90
C GLN E 204 -14.33 25.13 14.65
N LEU E 205 -14.77 25.04 13.40
CA LEU E 205 -15.74 24.02 12.97
C LEU E 205 -15.38 22.61 13.41
N LEU E 206 -14.15 22.20 13.11
CA LEU E 206 -13.67 20.89 13.51
C LEU E 206 -13.57 20.64 14.98
N LYS E 207 -13.45 21.69 15.80
CA LYS E 207 -13.36 21.51 17.25
C LYS E 207 -14.75 21.20 17.77
N SER E 208 -15.78 21.68 17.08
CA SER E 208 -17.16 21.46 17.49
C SER E 208 -17.66 20.04 17.18
N PHE E 209 -16.91 19.31 16.36
CA PHE E 209 -17.15 17.86 16.13
C PHE E 209 -17.10 17.07 17.46
N VAL E 210 -16.21 17.46 18.36
CA VAL E 210 -16.07 16.78 19.63
C VAL E 210 -17.43 16.80 20.34
N ASP E 211 -18.07 17.98 20.29
CA ASP E 211 -19.43 18.16 20.81
C ASP E 211 -20.46 17.34 20.03
N PHE E 212 -20.36 17.29 18.70
CA PHE E 212 -21.35 16.56 17.88
C PHE E 212 -21.41 15.05 18.19
N PHE E 213 -20.26 14.39 18.15
CA PHE E 213 -20.18 12.93 18.38
C PHE E 213 -20.15 12.65 19.87
N GLY E 214 -19.77 13.67 20.65
CA GLY E 214 -19.68 13.54 22.10
C GLY E 214 -18.57 12.62 22.53
N CYS E 215 -17.41 12.77 21.89
CA CYS E 215 -16.23 11.94 22.20
C CYS E 215 -15.06 12.40 21.37
N GLY E 216 -13.93 11.75 21.55
CA GLY E 216 -12.77 12.04 20.73
C GLY E 216 -12.13 13.39 21.04
N GLY E 217 -11.12 13.74 20.24
CA GLY E 217 -10.33 14.91 20.51
C GLY E 217 -9.83 15.58 19.26
N PHE E 218 -9.02 16.60 19.46
CA PHE E 218 -8.68 17.53 18.41
C PHE E 218 -7.18 17.81 18.47
N ASN E 219 -6.49 17.62 17.36
CA ASN E 219 -5.02 17.77 17.29
C ASN E 219 -4.62 18.53 16.04
N TYR E 220 -3.41 19.04 16.03
CA TYR E 220 -2.81 19.49 14.77
C TYR E 220 -2.39 18.24 14.00
N HIS E 221 -2.34 18.35 12.69
CA HIS E 221 -2.05 17.23 11.81
C HIS E 221 -0.55 17.09 11.53
N ASN E 222 0.16 18.21 11.49
CA ASN E 222 1.58 18.25 11.21
C ASN E 222 2.15 19.51 11.84
N LYS E 223 3.45 19.54 12.08
CA LYS E 223 4.16 20.69 12.64
C LYS E 223 3.84 22.04 11.99
N GLY E 224 3.59 22.07 10.69
CA GLY E 224 3.23 23.31 10.00
C GLY E 224 2.05 24.06 10.61
N ASN E 225 1.17 23.32 11.28
CA ASN E 225 -0.03 23.86 11.93
C ASN E 225 -1.03 24.44 10.94
N LYS E 226 -0.90 24.04 9.68
CA LYS E 226 -1.77 24.55 8.66
C LYS E 226 -2.94 23.58 8.43
N ALA E 227 -2.98 22.50 9.23
CA ALA E 227 -4.04 21.52 9.19
C ALA E 227 -4.29 20.88 10.55
N VAL E 228 -5.51 20.47 10.79
CA VAL E 228 -5.98 19.96 12.07
C VAL E 228 -6.79 18.66 11.88
N ILE E 229 -6.81 17.78 12.86
CA ILE E 229 -7.66 16.62 12.72
C ILE E 229 -8.59 16.46 13.89
N PHE E 230 -9.76 15.87 13.63
CA PHE E 230 -10.61 15.35 14.67
C PHE E 230 -10.31 13.85 14.76
N VAL E 231 -10.15 13.32 15.96
CA VAL E 231 -9.78 11.92 16.13
C VAL E 231 -10.54 11.25 17.22
N THR E 232 -11.11 10.07 16.93
CA THR E 232 -11.56 9.16 17.97
C THR E 232 -10.81 7.84 17.85
N ARG E 233 -10.47 7.29 19.01
CA ARG E 233 -9.58 6.17 19.17
C ARG E 233 -10.09 5.20 20.25
N LYS E 234 -10.53 5.75 21.37
CA LYS E 234 -11.17 5.00 22.44
C LYS E 234 -12.27 4.08 21.91
N PHE E 235 -12.14 2.78 22.17
CA PHE E 235 -13.01 1.78 21.59
C PHE E 235 -14.46 1.82 22.08
N GLU E 236 -14.68 2.08 23.35
CA GLU E 236 -16.04 2.39 23.89
C GLU E 236 -16.75 3.45 23.02
N ASP E 237 -16.10 4.58 22.75
CA ASP E 237 -16.71 5.65 21.97
C ASP E 237 -16.99 5.27 20.53
N ILE E 238 -16.04 4.58 19.91
CA ILE E 238 -16.21 4.13 18.55
C ILE E 238 -17.38 3.21 18.48
N ASN E 239 -17.43 2.25 19.39
CA ASN E 239 -18.44 1.22 19.36
C ASN E 239 -19.81 1.69 19.81
N ASP E 240 -19.87 2.74 20.62
CA ASP E 240 -21.17 3.21 21.14
C ASP E 240 -21.66 4.51 20.56
N LYS E 241 -20.78 5.37 20.07
CA LYS E 241 -21.22 6.65 19.50
C LYS E 241 -21.04 6.72 17.98
N ILE E 242 -19.81 6.53 17.50
CA ILE E 242 -19.50 6.68 16.08
C ILE E 242 -20.24 5.68 15.21
N ILE E 243 -20.22 4.40 15.57
CA ILE E 243 -20.81 3.41 14.69
C ILE E 243 -22.35 3.47 14.64
N PRO E 244 -23.01 3.47 15.79
CA PRO E 244 -24.46 3.66 15.74
C PRO E 244 -24.88 4.89 14.92
N LEU E 245 -24.18 5.99 15.13
CA LEU E 245 -24.46 7.23 14.42
C LEU E 245 -24.45 7.05 12.90
N PHE E 246 -23.47 6.34 12.35
CA PHE E 246 -23.40 6.16 10.90
C PHE E 246 -24.16 4.97 10.38
N ASN E 247 -24.64 4.08 11.23
CA ASN E 247 -25.61 3.07 10.79
C ASN E 247 -26.93 3.73 10.44
N GLU E 248 -27.24 4.84 11.11
CA GLU E 248 -28.47 5.59 10.87
C GLU E 248 -28.31 6.59 9.73
N TYR E 249 -27.33 7.46 9.80
CA TYR E 249 -27.08 8.40 8.73
C TYR E 249 -25.94 7.88 7.89
N LYS E 250 -26.28 7.16 6.84
CA LYS E 250 -25.33 6.29 6.17
C LYS E 250 -24.38 7.10 5.33
N ILE E 251 -23.13 6.67 5.29
CA ILE E 251 -22.18 7.28 4.38
C ILE E 251 -22.41 6.64 2.99
N LYS E 252 -21.90 7.27 1.96
CA LYS E 252 -22.14 6.80 0.63
C LYS E 252 -20.87 6.80 -0.20
N GLY E 253 -20.90 6.02 -1.27
CA GLY E 253 -19.75 5.84 -2.13
C GLY E 253 -18.92 4.72 -1.58
N VAL E 254 -17.71 4.54 -2.11
CA VAL E 254 -16.87 3.40 -1.76
C VAL E 254 -16.47 3.42 -0.30
N LYS E 255 -16.40 4.61 0.25
CA LYS E 255 -16.11 4.72 1.65
C LYS E 255 -17.11 3.96 2.50
N TYR E 256 -18.33 3.78 2.03
CA TYR E 256 -19.26 2.89 2.70
C TYR E 256 -18.65 1.53 2.99
N LYS E 257 -17.94 0.96 2.01
CA LYS E 257 -17.32 -0.35 2.23
C LYS E 257 -16.25 -0.28 3.30
N ASP E 258 -15.47 0.79 3.33
CA ASP E 258 -14.44 0.90 4.37
C ASP E 258 -15.10 1.05 5.72
N PHE E 259 -16.22 1.74 5.78
CA PHE E 259 -16.98 1.78 7.01
C PHE E 259 -17.56 0.42 7.38
N LYS E 260 -18.08 -0.34 6.40
CA LYS E 260 -18.56 -1.70 6.69
C LYS E 260 -17.41 -2.57 7.21
N ASP E 261 -16.27 -2.54 6.55
CA ASP E 261 -15.16 -3.35 6.98
C ASP E 261 -14.69 -2.98 8.38
N TRP E 262 -14.54 -1.68 8.61
CA TRP E 262 -14.19 -1.17 9.93
C TRP E 262 -15.21 -1.66 10.96
N SER E 263 -16.50 -1.55 10.67
CA SER E 263 -17.56 -2.04 11.57
C SER E 263 -17.40 -3.50 11.89
N LYS E 264 -16.97 -4.26 10.88
CA LYS E 264 -16.80 -5.69 11.03
C LYS E 264 -15.68 -5.96 11.99
N VAL E 265 -14.56 -5.27 11.82
CA VAL E 265 -13.48 -5.42 12.76
C VAL E 265 -13.95 -5.01 14.15
N ALA E 266 -14.76 -3.98 14.25
CA ALA E 266 -15.18 -3.52 15.56
C ALA E 266 -16.02 -4.58 16.25
N LYS E 267 -16.82 -5.32 15.50
CA LYS E 267 -17.64 -6.35 16.14
C LYS E 267 -16.81 -7.52 16.65
N MET E 268 -15.77 -7.86 15.90
CA MET E 268 -14.83 -8.89 16.31
C MET E 268 -14.11 -8.51 17.60
N ILE E 269 -13.67 -7.28 17.70
CA ILE E 269 -13.06 -6.81 18.91
C ILE E 269 -14.07 -6.83 20.08
N GLU E 270 -15.34 -6.52 19.80
CA GLU E 270 -16.39 -6.50 20.85
C GLU E 270 -16.49 -7.89 21.45
N SER E 271 -16.71 -8.87 20.58
CA SER E 271 -16.83 -10.25 20.96
C SER E 271 -15.52 -10.96 21.32
N LYS E 272 -14.45 -10.20 21.55
CA LYS E 272 -13.15 -10.79 21.87
C LYS E 272 -12.52 -11.69 20.78
N SER E 273 -13.16 -11.79 19.62
CA SER E 273 -12.71 -12.61 18.51
C SER E 273 -11.32 -12.28 17.97
N HIS E 274 -10.85 -11.07 18.22
CA HIS E 274 -9.47 -10.76 17.86
C HIS E 274 -8.40 -11.59 18.57
N LEU E 275 -8.75 -12.32 19.63
CA LEU E 275 -7.78 -13.17 20.34
C LEU E 275 -7.79 -14.66 19.94
N THR E 276 -8.52 -14.97 18.87
CA THR E 276 -8.43 -16.25 18.19
C THR E 276 -7.48 -16.08 17.01
N THR E 277 -6.83 -17.14 16.55
CA THR E 277 -5.84 -17.01 15.48
C THR E 277 -6.53 -16.64 14.18
N ASN E 278 -7.57 -17.37 13.80
CA ASN E 278 -8.33 -17.07 12.59
C ASN E 278 -9.03 -15.71 12.62
N GLY E 279 -9.51 -15.32 13.79
CA GLY E 279 -10.12 -14.00 13.96
C GLY E 279 -9.11 -12.93 13.63
N TYR E 280 -7.92 -13.06 14.22
CA TYR E 280 -6.82 -12.14 13.97
C TYR E 280 -6.34 -12.20 12.52
N LYS E 281 -6.37 -13.38 11.92
CA LYS E 281 -6.04 -13.51 10.51
C LYS E 281 -7.09 -12.77 9.67
N GLU E 282 -8.37 -12.92 10.00
CA GLU E 282 -9.45 -12.23 9.31
C GLU E 282 -9.31 -10.73 9.38
N ILE E 283 -8.94 -10.22 10.55
CA ILE E 283 -8.81 -8.79 10.73
C ILE E 283 -7.67 -8.26 9.89
N CYS E 284 -6.55 -8.96 9.88
CA CYS E 284 -5.44 -8.57 9.02
C CYS E 284 -5.79 -8.62 7.55
N LYS E 285 -6.64 -9.57 7.17
CA LYS E 285 -7.03 -9.71 5.78
C LYS E 285 -7.86 -8.55 5.38
N ILE E 286 -8.88 -8.28 6.18
CA ILE E 286 -9.79 -7.15 5.96
C ILE E 286 -9.05 -5.84 5.81
N LYS E 287 -8.05 -5.66 6.67
CA LYS E 287 -7.28 -4.45 6.72
C LYS E 287 -6.43 -4.24 5.47
N GLU E 288 -5.83 -5.33 4.98
CA GLU E 288 -5.01 -5.31 3.76
C GLU E 288 -5.83 -4.96 2.50
N ASN E 289 -7.16 -5.11 2.55
CA ASN E 289 -8.02 -4.78 1.40
C ASN E 289 -8.94 -3.57 1.59
N MET E 290 -8.66 -2.71 2.58
CA MET E 290 -9.50 -1.56 2.74
C MET E 290 -8.74 -0.27 2.42
N ASN E 291 -9.49 0.81 2.20
CA ASN E 291 -8.90 2.13 1.96
C ASN E 291 -8.08 2.14 0.70
N SER E 292 -6.83 2.58 0.76
CA SER E 292 -6.04 2.73 -0.45
C SER E 292 -5.64 1.41 -1.05
N TYR E 293 -5.77 0.31 -0.30
CA TYR E 293 -5.53 -1.00 -0.82
C TYR E 293 -6.75 -1.62 -1.51
N ARG E 294 -7.91 -0.97 -1.52
CA ARG E 294 -9.12 -1.61 -2.02
C ARG E 294 -9.07 -1.77 -3.53
N LYS E 295 -9.58 -2.91 -3.98
CA LYS E 295 -9.86 -3.24 -5.40
C LYS E 295 -10.44 -2.08 -6.21
N SER F 5 35.56 -20.18 -7.25
CA SER F 5 34.71 -20.64 -6.09
C SER F 5 33.57 -19.69 -5.74
N ILE F 6 32.52 -20.27 -5.18
CA ILE F 6 31.30 -19.55 -4.86
C ILE F 6 31.52 -18.38 -3.86
N ASN F 7 31.05 -17.20 -4.23
CA ASN F 7 31.17 -16.02 -3.40
C ASN F 7 30.31 -16.07 -2.13
N PRO F 8 30.85 -15.55 -1.02
CA PRO F 8 30.10 -15.70 0.20
C PRO F 8 28.79 -14.96 0.23
N TRP F 9 28.68 -13.80 -0.41
CA TRP F 9 27.39 -13.09 -0.48
C TRP F 9 26.37 -13.80 -1.35
N PHE F 10 26.84 -14.57 -2.33
CA PHE F 10 25.95 -15.40 -3.09
C PHE F 10 25.29 -16.42 -2.20
N VAL F 11 26.07 -17.03 -1.34
CA VAL F 11 25.59 -18.06 -0.41
C VAL F 11 24.54 -17.49 0.54
N THR F 12 24.75 -16.25 0.96
CA THR F 12 23.79 -15.59 1.81
C THR F 12 22.52 -15.24 1.05
N GLY F 13 22.66 -14.66 -0.13
CA GLY F 13 21.51 -14.35 -0.96
C GLY F 13 20.67 -15.58 -1.25
N PHE F 14 21.34 -16.67 -1.61
CA PHE F 14 20.63 -17.90 -1.82
C PHE F 14 19.91 -18.42 -0.56
N THR F 15 20.50 -18.21 0.62
CA THR F 15 19.87 -18.65 1.86
C THR F 15 18.68 -17.75 2.26
N ASP F 16 18.74 -16.45 2.00
CA ASP F 16 17.58 -15.60 2.26
C ASP F 16 16.39 -16.06 1.43
N ALA F 17 16.69 -16.62 0.26
CA ALA F 17 15.65 -17.15 -0.63
C ALA F 17 15.13 -18.54 -0.26
N GLU F 18 16.03 -19.49 0.00
CA GLU F 18 15.62 -20.89 0.11
C GLU F 18 16.03 -21.63 1.39
N GLY F 19 16.69 -20.99 2.34
CA GLY F 19 17.22 -21.71 3.50
C GLY F 19 16.30 -21.72 4.72
N SER F 20 16.69 -22.43 5.76
CA SER F 20 15.91 -22.53 6.99
C SER F 20 16.76 -22.75 8.21
N PHE F 21 16.40 -22.04 9.28
CA PHE F 21 17.02 -22.23 10.58
C PHE F 21 15.95 -22.70 11.51
N MET F 22 16.06 -23.95 11.92
CA MET F 22 15.01 -24.58 12.69
C MET F 22 15.51 -25.17 13.96
N ILE F 23 14.66 -25.13 14.97
CA ILE F 23 14.85 -25.86 16.20
C ILE F 23 13.62 -26.68 16.43
N HIS F 24 13.79 -27.97 16.63
CA HIS F 24 12.69 -28.88 16.92
C HIS F 24 12.91 -29.60 18.22
N LEU F 25 11.83 -29.95 18.91
CA LEU F 25 11.91 -30.64 20.20
C LEU F 25 11.27 -32.00 20.07
N GLU F 26 11.94 -33.05 20.53
CA GLU F 26 11.24 -34.33 20.60
C GLU F 26 11.29 -34.96 21.99
N LYS F 27 10.19 -35.62 22.37
CA LYS F 27 10.11 -36.34 23.64
C LYS F 27 10.79 -37.69 23.48
N ASN F 28 11.50 -38.07 24.53
CA ASN F 28 12.25 -39.30 24.55
C ASN F 28 12.09 -39.82 25.98
N LYS F 29 10.93 -40.43 26.24
CA LYS F 29 10.60 -41.00 27.55
C LYS F 29 11.06 -40.15 28.72
N ASP F 30 10.29 -39.11 29.05
CA ASP F 30 10.58 -38.23 30.21
C ASP F 30 11.89 -37.42 30.07
N LYS F 31 12.25 -37.07 28.84
CA LYS F 31 13.32 -36.12 28.53
C LYS F 31 12.99 -35.54 27.16
N TRP F 32 13.31 -34.27 26.95
CA TRP F 32 13.11 -33.63 25.64
C TRP F 32 14.44 -33.38 24.99
N ARG F 33 14.53 -33.69 23.70
CA ARG F 33 15.73 -33.43 22.96
C ARG F 33 15.57 -32.14 22.19
N VAL F 34 16.63 -31.37 22.08
CA VAL F 34 16.59 -30.17 21.25
C VAL F 34 17.38 -30.45 19.98
N ARG F 35 16.70 -30.40 18.85
CA ARG F 35 17.34 -30.74 17.59
C ARG F 35 17.45 -29.51 16.72
N PRO F 36 18.64 -28.95 16.57
CA PRO F 36 18.76 -27.84 15.67
C PRO F 36 19.00 -28.36 14.30
N THR F 37 18.57 -27.63 13.28
CA THR F 37 18.95 -27.97 11.92
C THR F 37 18.90 -26.77 10.99
N PHE F 38 19.92 -26.66 10.14
CA PHE F 38 19.96 -25.72 9.06
C PHE F 38 19.68 -26.48 7.78
N GLN F 39 18.82 -25.96 6.91
CA GLN F 39 18.33 -26.75 5.81
C GLN F 39 18.14 -25.99 4.52
N ILE F 40 18.57 -26.60 3.42
CA ILE F 40 18.19 -26.16 2.08
C ILE F 40 17.62 -27.34 1.29
N LYS F 41 16.41 -27.18 0.79
CA LYS F 41 15.73 -28.16 -0.03
C LYS F 41 15.34 -27.60 -1.41
N LEU F 42 15.75 -28.28 -2.48
CA LEU F 42 15.46 -27.87 -3.84
C LEU F 42 14.86 -29.04 -4.61
N ASP F 43 14.33 -28.76 -5.80
CA ASP F 43 14.02 -29.83 -6.76
C ASP F 43 15.33 -30.48 -7.20
N ILE F 44 15.24 -31.75 -7.57
CA ILE F 44 16.40 -32.62 -7.80
C ILE F 44 17.30 -32.19 -8.97
N ARG F 45 16.77 -31.48 -9.94
CA ARG F 45 17.65 -30.95 -10.97
C ARG F 45 18.72 -29.96 -10.47
N ASP F 46 18.65 -29.51 -9.22
CA ASP F 46 19.66 -28.57 -8.70
C ASP F 46 20.54 -29.16 -7.61
N LYS F 47 20.60 -30.49 -7.55
CA LYS F 47 21.53 -31.22 -6.68
C LYS F 47 22.94 -30.62 -6.77
N SER F 48 23.33 -30.28 -7.99
CA SER F 48 24.66 -29.82 -8.28
C SER F 48 25.05 -28.56 -7.51
N LEU F 49 24.17 -27.57 -7.55
CA LEU F 49 24.33 -26.36 -6.76
C LEU F 49 24.33 -26.60 -5.23
N LEU F 50 23.52 -27.54 -4.77
CA LEU F 50 23.60 -27.96 -3.36
C LEU F 50 24.96 -28.52 -3.01
N GLU F 51 25.54 -29.28 -3.95
CA GLU F 51 26.85 -29.82 -3.75
C GLU F 51 27.85 -28.69 -3.62
N GLU F 52 27.72 -27.63 -4.42
CA GLU F 52 28.66 -26.50 -4.34
C GLU F 52 28.57 -25.75 -3.00
N ILE F 53 27.36 -25.63 -2.48
CA ILE F 53 27.12 -24.99 -1.19
C ILE F 53 27.70 -25.84 -0.06
N LYS F 54 27.36 -27.13 -0.02
CA LYS F 54 27.88 -28.04 1.01
C LYS F 54 29.37 -27.97 1.04
N ASN F 55 29.94 -27.91 -0.14
CA ASN F 55 31.36 -27.75 -0.29
C ASN F 55 31.87 -26.47 0.32
N TYR F 56 31.18 -25.35 0.04
CA TYR F 56 31.56 -24.08 0.61
C TYR F 56 31.62 -24.24 2.13
N PHE F 57 30.66 -24.95 2.73
CA PHE F 57 30.67 -25.14 4.17
C PHE F 57 31.55 -26.33 4.67
N ASN F 58 32.74 -26.49 4.09
CA ASN F 58 33.68 -27.53 4.53
C ASN F 58 33.05 -28.91 4.53
N ASN F 59 32.18 -29.20 3.59
CA ASN F 59 31.48 -30.48 3.53
C ASN F 59 30.89 -30.95 4.85
N THR F 60 30.39 -30.02 5.65
CA THR F 60 29.59 -30.39 6.82
C THR F 60 28.23 -30.89 6.34
N GLY F 61 27.56 -31.66 7.19
CA GLY F 61 26.19 -32.08 6.93
C GLY F 61 26.09 -33.15 5.87
N SER F 62 24.87 -33.37 5.39
CA SER F 62 24.64 -34.40 4.42
C SER F 62 23.53 -34.05 3.47
N ILE F 63 23.68 -34.46 2.22
CA ILE F 63 22.63 -34.36 1.25
C ILE F 63 21.87 -35.68 1.18
N ASN F 64 20.56 -35.61 0.98
CA ASN F 64 19.70 -36.75 0.80
C ASN F 64 18.80 -36.45 -0.35
N THR F 65 18.27 -37.49 -0.98
CA THR F 65 17.63 -37.34 -2.26
C THR F 65 16.47 -38.29 -2.36
N SER F 66 15.37 -37.83 -2.96
CA SER F 66 14.18 -38.66 -3.10
C SER F 66 13.46 -38.50 -4.46
N ASN F 67 14.17 -38.81 -5.56
CA ASN F 67 13.56 -38.88 -6.91
C ASN F 67 13.05 -37.54 -7.45
N LYS F 68 12.36 -36.74 -6.63
CA LYS F 68 11.88 -35.41 -7.04
C LYS F 68 12.63 -34.25 -6.31
N GLU F 69 12.94 -34.42 -5.02
CA GLU F 69 13.61 -33.38 -4.22
C GLU F 69 14.99 -33.81 -3.71
N CYS F 70 15.80 -32.85 -3.29
CA CYS F 70 17.04 -33.15 -2.57
C CYS F 70 17.25 -32.15 -1.44
N VAL F 71 17.93 -32.57 -0.38
CA VAL F 71 17.95 -31.82 0.87
C VAL F 71 19.35 -31.80 1.45
N TYR F 72 19.82 -30.62 1.81
CA TYR F 72 21.04 -30.47 2.56
C TYR F 72 20.61 -30.19 4.00
N LYS F 73 21.11 -30.97 4.96
CA LYS F 73 20.82 -30.72 6.35
C LYS F 73 22.10 -30.74 7.15
N VAL F 74 22.27 -29.72 8.01
CA VAL F 74 23.34 -29.67 8.99
C VAL F 74 22.71 -29.70 10.36
N ARG F 75 23.02 -30.73 11.14
CA ARG F 75 22.26 -31.04 12.36
C ARG F 75 23.07 -31.20 13.63
N SER F 76 24.38 -31.35 13.55
CA SER F 76 25.22 -31.53 14.71
C SER F 76 25.77 -30.19 15.14
N LEU F 77 26.03 -30.07 16.44
CA LEU F 77 26.43 -28.82 17.00
C LEU F 77 27.81 -28.44 16.52
N LYS F 78 28.72 -29.40 16.34
CA LYS F 78 30.06 -29.06 15.84
C LYS F 78 29.94 -28.40 14.46
N ASP F 79 29.31 -29.11 13.53
CA ASP F 79 29.10 -28.67 12.15
C ASP F 79 28.42 -27.30 12.07
N ILE F 80 27.41 -27.07 12.92
CA ILE F 80 26.64 -25.82 12.91
C ILE F 80 27.45 -24.56 13.25
N SER F 81 28.51 -24.71 14.04
CA SER F 81 29.32 -23.55 14.39
C SER F 81 29.85 -22.83 13.14
N ILE F 82 30.19 -23.59 12.10
CA ILE F 82 30.85 -22.99 10.94
C ILE F 82 29.80 -22.29 10.04
N ILE F 83 28.58 -22.82 10.08
CA ILE F 83 27.44 -22.18 9.41
C ILE F 83 27.20 -20.82 10.05
N ILE F 84 27.15 -20.81 11.39
CA ILE F 84 26.96 -19.58 12.12
C ILE F 84 28.07 -18.56 11.88
N SER F 85 29.33 -18.98 11.79
CA SER F 85 30.39 -18.01 11.44
C SER F 85 30.08 -17.28 10.15
N HIS F 86 29.57 -18.02 9.19
CA HIS F 86 29.36 -17.43 7.90
C HIS F 86 28.34 -16.31 8.03
N PHE F 87 27.19 -16.62 8.60
CA PHE F 87 26.06 -15.69 8.61
C PHE F 87 26.22 -14.52 9.58
N ASP F 88 27.15 -14.65 10.52
CA ASP F 88 27.63 -13.52 11.32
C ASP F 88 28.46 -12.58 10.51
N LYS F 89 29.34 -13.11 9.67
CA LYS F 89 30.15 -12.22 8.85
C LYS F 89 29.40 -11.68 7.63
N TYR F 90 28.51 -12.49 7.06
CA TYR F 90 27.73 -12.09 5.90
C TYR F 90 26.27 -12.27 6.24
N ASN F 91 25.66 -11.19 6.72
CA ASN F 91 24.34 -11.28 7.38
C ASN F 91 23.17 -11.35 6.41
N LEU F 92 22.19 -12.17 6.76
CA LEU F 92 20.88 -12.18 6.09
C LEU F 92 20.19 -10.81 6.14
N ILE F 93 19.34 -10.53 5.17
CA ILE F 93 18.55 -9.29 5.20
C ILE F 93 17.04 -9.47 5.11
N THR F 94 16.56 -10.69 4.87
CA THR F 94 15.11 -10.92 4.86
C THR F 94 14.68 -11.16 6.28
N GLN F 95 13.39 -11.40 6.49
CA GLN F 95 12.89 -11.73 7.83
C GLN F 95 13.53 -13.01 8.40
N LYS F 96 14.17 -13.77 7.51
CA LYS F 96 14.92 -14.96 7.90
C LYS F 96 16.05 -14.62 8.86
N LYS F 97 16.52 -13.38 8.83
CA LYS F 97 17.46 -12.90 9.82
C LYS F 97 17.00 -13.14 11.24
N ALA F 98 15.72 -12.97 11.49
CA ALA F 98 15.20 -13.10 12.85
C ALA F 98 15.14 -14.52 13.35
N ASP F 99 14.70 -15.45 12.50
CA ASP F 99 14.83 -16.87 12.82
C ASP F 99 16.30 -17.26 12.98
N PHE F 100 17.19 -16.63 12.26
CA PHE F 100 18.59 -16.91 12.48
C PHE F 100 19.10 -16.42 13.84
N GLU F 101 18.73 -15.21 14.24
CA GLU F 101 19.11 -14.68 15.57
C GLU F 101 18.59 -15.57 16.68
N LEU F 102 17.31 -15.92 16.63
CA LEU F 102 16.72 -16.79 17.64
C LEU F 102 17.43 -18.16 17.70
N PHE F 103 17.65 -18.76 16.53
CA PHE F 103 18.47 -19.96 16.37
C PHE F 103 19.84 -19.83 17.04
N LYS F 104 20.53 -18.74 16.76
CA LYS F 104 21.84 -18.51 17.35
C LYS F 104 21.80 -18.49 18.87
N LYS F 105 20.77 -17.89 19.44
CA LYS F 105 20.60 -17.87 20.89
C LYS F 105 20.49 -19.25 21.50
N ILE F 106 19.61 -20.06 20.93
CA ILE F 106 19.47 -21.42 21.39
C ILE F 106 20.78 -22.17 21.25
N ILE F 107 21.43 -22.08 20.11
CA ILE F 107 22.70 -22.78 19.96
C ILE F 107 23.66 -22.42 21.08
N ASN F 108 23.72 -21.14 21.44
CA ASN F 108 24.67 -20.72 22.48
C ASN F 108 24.33 -21.35 23.81
N LYS F 109 23.04 -21.43 24.11
CA LYS F 109 22.62 -22.10 25.34
C LYS F 109 23.00 -23.56 25.35
N LEU F 110 22.88 -24.22 24.22
CA LEU F 110 23.25 -25.62 24.15
C LEU F 110 24.73 -25.80 24.30
N ASN F 111 25.55 -24.90 23.75
CA ASN F 111 27.01 -25.00 23.93
C ASN F 111 27.43 -24.74 25.36
N SER F 112 26.78 -23.78 26.00
CA SER F 112 27.04 -23.49 27.38
C SER F 112 26.78 -24.73 28.21
N GLN F 113 25.81 -25.54 27.80
CA GLN F 113 25.41 -26.69 28.62
C GLN F 113 26.06 -27.99 28.21
N GLU F 114 26.86 -27.96 27.15
CA GLU F 114 27.53 -29.14 26.60
C GLU F 114 26.65 -30.39 26.30
N HIS F 115 25.32 -30.25 26.28
CA HIS F 115 24.43 -31.41 25.92
C HIS F 115 22.99 -31.03 25.47
N LEU F 116 22.30 -32.01 24.86
CA LEU F 116 21.09 -31.75 24.06
C LEU F 116 19.74 -32.26 24.59
N SER F 117 19.76 -33.06 25.66
CA SER F 117 18.56 -33.60 26.32
C SER F 117 18.34 -33.02 27.73
N TYR F 118 17.07 -32.73 28.05
CA TYR F 118 16.70 -32.09 29.30
C TYR F 118 15.49 -32.75 29.92
N GLU F 119 15.46 -32.77 31.26
CA GLU F 119 14.27 -33.20 32.02
C GLU F 119 13.38 -31.97 32.06
N VAL F 120 12.06 -32.19 32.00
CA VAL F 120 11.05 -31.11 31.95
C VAL F 120 11.32 -29.91 32.91
N GLY F 121 11.87 -30.21 34.08
CA GLY F 121 12.15 -29.18 35.07
C GLY F 121 13.37 -28.30 34.83
N ALA F 122 14.03 -28.43 33.68
CA ALA F 122 15.21 -27.63 33.40
C ALA F 122 14.83 -26.20 33.01
N THR F 123 15.57 -25.24 33.57
CA THR F 123 15.38 -23.81 33.31
C THR F 123 15.83 -23.44 31.89
N VAL F 124 16.95 -24.02 31.49
CA VAL F 124 17.46 -23.81 30.15
C VAL F 124 16.45 -24.27 29.12
N LEU F 125 15.76 -25.37 29.43
CA LEU F 125 14.80 -25.96 28.53
C LEU F 125 13.64 -25.03 28.30
N GLN F 126 13.15 -24.44 29.38
CA GLN F 126 12.07 -23.46 29.28
C GLN F 126 12.47 -22.21 28.51
N GLU F 127 13.70 -21.74 28.72
CA GLU F 127 14.20 -20.59 27.97
C GLU F 127 14.24 -20.96 26.48
N ILE F 128 14.69 -22.15 26.19
CA ILE F 128 14.72 -22.62 24.81
C ILE F 128 13.33 -22.73 24.22
N ILE F 129 12.42 -23.36 24.95
CA ILE F 129 11.06 -23.48 24.45
C ILE F 129 10.42 -22.10 24.25
N SER F 130 10.76 -21.17 25.12
CA SER F 130 10.27 -19.82 24.99
C SER F 130 10.72 -19.19 23.67
N ILE F 131 12.00 -19.35 23.35
CA ILE F 131 12.56 -18.89 22.07
C ILE F 131 12.03 -19.69 20.87
N ARG F 132 12.02 -21.03 20.96
CA ARG F 132 11.49 -21.86 19.88
C ARG F 132 10.10 -21.41 19.48
N ALA F 133 9.37 -20.89 20.46
CA ALA F 133 7.98 -20.51 20.26
C ALA F 133 7.80 -19.39 19.27
N SER F 134 8.79 -18.52 19.14
CA SER F 134 8.73 -17.40 18.17
C SER F 134 9.50 -17.62 16.83
N MET F 135 9.78 -18.89 16.53
CA MET F 135 10.51 -19.27 15.34
C MET F 135 9.60 -20.02 14.39
N ASN F 136 9.75 -19.74 13.09
CA ASN F 136 9.12 -20.54 12.07
C ASN F 136 7.63 -20.75 12.39
N LEU F 137 7.17 -21.98 12.60
CA LEU F 137 5.75 -22.21 12.86
C LEU F 137 5.41 -22.32 14.34
N GLY F 138 6.34 -21.91 15.20
CA GLY F 138 6.13 -21.99 16.65
C GLY F 138 5.94 -23.40 17.21
N LEU F 139 5.43 -23.47 18.43
CA LEU F 139 5.22 -24.72 19.15
C LEU F 139 4.20 -25.60 18.47
N SER F 140 4.45 -26.90 18.53
CA SER F 140 3.43 -27.90 18.23
C SER F 140 2.39 -27.89 19.32
N SER F 141 1.23 -28.42 19.00
CA SER F 141 0.14 -28.54 19.97
C SER F 141 0.52 -29.54 21.09
N SER F 142 1.30 -30.56 20.74
CA SER F 142 1.74 -31.53 21.73
C SER F 142 2.60 -30.86 22.80
N VAL F 143 3.59 -30.10 22.38
CA VAL F 143 4.45 -29.40 23.32
C VAL F 143 3.67 -28.33 24.05
N LYS F 144 2.73 -27.70 23.35
CA LYS F 144 1.91 -26.68 23.98
C LYS F 144 1.11 -27.25 25.15
N GLU F 145 0.63 -28.50 25.01
CA GLU F 145 -0.07 -29.19 26.11
C GLU F 145 0.84 -29.40 27.32
N ASP F 146 2.10 -29.81 27.06
CA ASP F 146 3.07 -30.07 28.14
C ASP F 146 3.72 -28.84 28.76
N PHE F 147 3.56 -27.68 28.14
CA PHE F 147 4.11 -26.43 28.68
C PHE F 147 3.07 -25.33 28.46
N PRO F 148 1.97 -25.37 29.22
CA PRO F 148 0.90 -24.39 28.97
C PRO F 148 1.22 -22.94 29.29
N HIS F 149 2.17 -22.67 30.17
CA HIS F 149 2.34 -21.30 30.67
C HIS F 149 3.59 -20.63 30.14
N ILE F 150 4.08 -21.08 29.00
CA ILE F 150 5.27 -20.49 28.43
C ILE F 150 4.92 -19.26 27.58
N ILE F 151 5.62 -18.16 27.85
CA ILE F 151 5.45 -16.93 27.11
C ILE F 151 6.53 -16.84 26.03
N PRO F 152 6.13 -16.80 24.76
CA PRO F 152 7.14 -16.65 23.70
C PRO F 152 8.04 -15.43 23.87
N SER F 153 9.28 -15.57 23.45
CA SER F 153 10.24 -14.46 23.41
C SER F 153 9.89 -13.44 22.34
N ASN F 154 10.48 -12.26 22.46
CA ASN F 154 10.40 -11.22 21.44
C ASN F 154 11.07 -11.64 20.15
N ARG F 155 10.33 -11.57 19.05
CA ARG F 155 10.88 -11.80 17.73
C ARG F 155 11.55 -10.49 17.28
N PRO F 156 12.86 -10.54 16.96
CA PRO F 156 13.54 -9.29 16.61
C PRO F 156 13.00 -8.69 15.31
N LEU F 157 12.91 -7.36 15.25
CA LEU F 157 12.44 -6.65 14.04
C LEU F 157 13.54 -6.53 13.00
N ILE F 158 13.16 -6.72 11.74
CA ILE F 158 14.08 -6.61 10.64
C ILE F 158 13.56 -5.54 9.68
N GLU F 159 14.12 -4.35 9.77
CA GLU F 159 13.61 -3.19 9.08
C GLU F 159 14.73 -2.40 8.39
N ASN F 160 14.37 -1.66 7.35
CA ASN F 160 15.29 -0.76 6.63
C ASN F 160 16.61 -1.41 6.26
N MET F 161 16.56 -2.61 5.67
CA MET F 161 17.75 -3.38 5.34
C MET F 161 18.18 -3.08 3.92
N ASN F 162 19.47 -2.84 3.73
CA ASN F 162 20.02 -2.59 2.39
C ASN F 162 20.59 -3.85 1.76
N ILE F 163 20.50 -3.91 0.43
CA ILE F 163 21.15 -4.98 -0.30
C ILE F 163 22.65 -4.79 -0.19
N PRO F 164 23.33 -5.72 0.48
CA PRO F 164 24.71 -5.46 0.84
C PRO F 164 25.73 -5.57 -0.28
N HIS F 165 25.38 -6.08 -1.46
CA HIS F 165 26.37 -6.45 -2.48
C HIS F 165 25.68 -7.13 -3.67
N PRO F 166 26.10 -6.82 -4.90
CA PRO F 166 25.38 -7.39 -6.06
C PRO F 166 25.32 -8.93 -6.10
N GLU F 167 26.38 -9.54 -5.63
CA GLU F 167 26.46 -10.96 -5.49
C GLU F 167 25.37 -11.57 -4.56
N TRP F 168 24.85 -10.80 -3.59
CA TRP F 168 23.68 -11.22 -2.81
C TRP F 168 22.47 -11.38 -3.73
N MET F 169 22.26 -10.41 -4.62
CA MET F 169 21.14 -10.42 -5.53
C MET F 169 21.25 -11.58 -6.49
N ALA F 170 22.47 -11.93 -6.89
CA ALA F 170 22.66 -13.10 -7.75
C ALA F 170 22.28 -14.38 -7.03
N GLY F 171 22.66 -14.47 -5.77
CA GLY F 171 22.26 -15.61 -4.95
C GLY F 171 20.76 -15.63 -4.75
N PHE F 172 20.19 -14.49 -4.42
CA PHE F 172 18.77 -14.46 -4.13
C PHE F 172 17.94 -14.81 -5.35
N VAL F 173 18.29 -14.25 -6.51
CA VAL F 173 17.57 -14.49 -7.73
C VAL F 173 17.77 -15.92 -8.23
N SER F 174 18.95 -16.47 -8.04
CA SER F 174 19.14 -17.88 -8.32
C SER F 174 18.13 -18.70 -7.58
N GLY F 175 17.70 -18.21 -6.41
CA GLY F 175 16.59 -18.79 -5.63
C GLY F 175 15.18 -18.42 -5.98
N GLU F 176 14.83 -17.14 -6.10
CA GLU F 176 13.42 -16.74 -6.29
C GLU F 176 13.14 -16.00 -7.62
N GLY F 177 14.11 -15.85 -8.49
CA GLY F 177 13.84 -15.14 -9.73
C GLY F 177 13.02 -15.95 -10.75
N SER F 178 12.51 -15.26 -11.76
CA SER F 178 11.90 -15.96 -12.85
C SER F 178 12.10 -15.18 -14.12
N PHE F 179 12.57 -15.87 -15.15
CA PHE F 179 12.75 -15.28 -16.47
C PHE F 179 11.74 -15.84 -17.49
N SER F 180 10.92 -14.96 -18.05
CA SER F 180 9.80 -15.39 -18.85
C SER F 180 9.87 -14.85 -20.23
N VAL F 181 9.29 -15.57 -21.16
CA VAL F 181 9.11 -15.08 -22.50
C VAL F 181 7.64 -15.20 -22.76
N TYR F 182 6.98 -14.08 -23.00
CA TYR F 182 5.57 -14.08 -23.27
C TYR F 182 5.33 -14.04 -24.77
N THR F 183 4.49 -14.95 -25.25
CA THR F 183 3.96 -14.83 -26.61
C THR F 183 2.47 -14.53 -26.48
N THR F 184 1.96 -13.70 -27.39
CA THR F 184 0.53 -13.43 -27.49
C THR F 184 -0.25 -14.68 -27.97
N SER F 185 -1.51 -14.75 -27.57
CA SER F 185 -2.41 -15.84 -27.97
C SER F 185 -2.62 -15.82 -29.48
N ASP F 186 -2.80 -14.63 -30.04
CA ASP F 186 -2.80 -14.42 -31.50
C ASP F 186 -1.48 -14.79 -32.19
N ASP F 187 -0.44 -15.08 -31.40
CA ASP F 187 0.89 -15.49 -31.90
C ASP F 187 1.58 -14.44 -32.77
N LYS F 188 1.27 -13.17 -32.58
CA LYS F 188 1.94 -12.13 -33.33
C LYS F 188 3.13 -11.60 -32.55
N TYR F 189 2.98 -11.35 -31.26
CA TYR F 189 4.01 -10.59 -30.53
C TYR F 189 4.69 -11.35 -29.40
N VAL F 190 5.86 -10.83 -29.03
CA VAL F 190 6.73 -11.41 -28.02
C VAL F 190 7.13 -10.31 -27.06
N SER F 191 7.28 -10.64 -25.77
CA SER F 191 7.90 -9.72 -24.83
C SER F 191 8.57 -10.48 -23.70
N LEU F 192 9.33 -9.80 -22.86
CA LEU F 192 10.04 -10.46 -21.78
C LEU F 192 9.65 -9.96 -20.42
N SER F 193 9.91 -10.76 -19.40
CA SER F 193 9.72 -10.25 -18.07
C SER F 193 10.67 -10.94 -17.12
N PHE F 194 11.14 -10.16 -16.16
CA PHE F 194 11.92 -10.64 -15.09
C PHE F 194 11.12 -10.34 -13.85
N ARG F 195 10.79 -11.37 -13.06
CA ARG F 195 9.94 -11.20 -11.88
C ARG F 195 10.57 -11.81 -10.66
N VAL F 196 10.39 -11.17 -9.51
CA VAL F 196 10.75 -11.76 -8.24
C VAL F 196 9.60 -11.59 -7.28
N SER F 197 9.14 -12.66 -6.68
CA SER F 197 8.03 -12.59 -5.74
C SER F 197 8.46 -12.88 -4.32
N GLN F 198 7.68 -12.40 -3.37
CA GLN F 198 7.95 -12.66 -1.96
C GLN F 198 6.69 -12.43 -1.12
N HIS F 199 6.68 -13.03 0.06
CA HIS F 199 5.63 -12.76 1.02
C HIS F 199 5.62 -11.28 1.39
N ASN F 200 4.43 -10.81 1.72
CA ASN F 200 4.20 -9.42 2.02
C ASN F 200 4.98 -8.90 3.24
N LYS F 201 5.40 -9.79 4.12
CA LYS F 201 6.26 -9.42 5.24
C LYS F 201 7.59 -8.83 4.77
N ASP F 202 7.93 -8.95 3.49
CA ASP F 202 9.13 -8.29 2.99
C ASP F 202 8.82 -7.35 1.79
N LYS F 203 7.67 -6.69 1.86
CA LYS F 203 7.30 -5.69 0.86
C LYS F 203 8.35 -4.56 0.79
N GLN F 204 8.86 -4.12 1.93
CA GLN F 204 9.81 -3.02 1.99
C GLN F 204 11.07 -3.38 1.20
N LEU F 205 11.69 -4.49 1.56
CA LEU F 205 12.90 -5.01 0.87
C LEU F 205 12.73 -5.10 -0.64
N LEU F 206 11.64 -5.71 -1.07
CA LEU F 206 11.31 -5.82 -2.49
C LEU F 206 11.08 -4.52 -3.21
N LYS F 207 10.63 -3.48 -2.51
CA LYS F 207 10.37 -2.19 -3.15
C LYS F 207 11.72 -1.53 -3.44
N SER F 208 12.74 -1.85 -2.62
CA SER F 208 14.06 -1.26 -2.79
C SER F 208 14.83 -1.83 -3.98
N PHE F 209 14.37 -2.99 -4.49
CA PHE F 209 14.88 -3.57 -5.74
C PHE F 209 14.76 -2.59 -6.91
N VAL F 210 13.69 -1.80 -6.92
CA VAL F 210 13.50 -0.82 -8.00
C VAL F 210 14.71 0.12 -8.04
N ASP F 211 15.14 0.55 -6.84
CA ASP F 211 16.36 1.34 -6.67
C ASP F 211 17.63 0.55 -7.09
N PHE F 212 17.73 -0.72 -6.71
CA PHE F 212 18.94 -1.51 -7.02
C PHE F 212 19.23 -1.68 -8.52
N PHE F 213 18.22 -2.10 -9.28
CA PHE F 213 18.36 -2.32 -10.74
C PHE F 213 18.17 -1.01 -11.45
N GLY F 214 17.48 -0.08 -10.79
CA GLY F 214 17.21 1.23 -11.37
C GLY F 214 16.24 1.12 -12.51
N CYS F 215 15.16 0.37 -12.30
CA CYS F 215 14.11 0.19 -13.31
C CYS F 215 13.00 -0.67 -12.75
N GLY F 216 11.99 -0.91 -13.56
CA GLY F 216 10.94 -1.84 -13.19
C GLY F 216 9.99 -1.28 -12.14
N GLY F 217 9.09 -2.12 -11.67
CA GLY F 217 8.08 -1.67 -10.76
C GLY F 217 7.65 -2.76 -9.81
N PHE F 218 6.65 -2.44 -9.02
CA PHE F 218 6.30 -3.21 -7.87
C PHE F 218 4.80 -3.36 -7.84
N ASN F 219 4.32 -4.60 -7.76
CA ASN F 219 2.88 -4.92 -7.81
C ASN F 219 2.51 -5.95 -6.74
N TYR F 220 1.23 -6.08 -6.46
CA TYR F 220 0.75 -7.21 -5.70
C TYR F 220 0.68 -8.39 -6.65
N HIS F 221 0.81 -9.59 -6.09
CA HIS F 221 0.86 -10.83 -6.86
C HIS F 221 -0.54 -11.45 -7.07
N ASN F 222 -1.42 -11.24 -6.09
CA ASN F 222 -2.77 -11.78 -6.12
C ASN F 222 -3.65 -10.90 -5.22
N LYS F 223 -4.96 -10.95 -5.45
CA LYS F 223 -5.99 -10.24 -4.67
C LYS F 223 -5.83 -10.31 -3.14
N GLY F 224 -5.35 -11.43 -2.62
CA GLY F 224 -5.12 -11.57 -1.17
C GLY F 224 -4.21 -10.49 -0.56
N ASN F 225 -3.31 -9.96 -1.38
CA ASN F 225 -2.29 -8.95 -0.97
C ASN F 225 -1.28 -9.52 0.00
N LYS F 226 -1.18 -10.85 0.06
CA LYS F 226 -0.29 -11.49 1.02
C LYS F 226 1.06 -11.79 0.35
N ALA F 227 1.18 -11.37 -0.92
CA ALA F 227 2.40 -11.50 -1.70
C ALA F 227 2.54 -10.37 -2.73
N VAL F 228 3.80 -10.04 -3.04
CA VAL F 228 4.15 -8.92 -3.89
C VAL F 228 5.21 -9.35 -4.93
N ILE F 229 5.26 -8.70 -6.08
CA ILE F 229 6.34 -9.00 -6.99
C ILE F 229 7.10 -7.76 -7.41
N PHE F 230 8.37 -7.95 -7.72
CA PHE F 230 9.15 -6.94 -8.43
C PHE F 230 9.10 -7.38 -9.87
N VAL F 231 8.88 -6.45 -10.79
CA VAL F 231 8.74 -6.79 -12.21
C VAL F 231 9.44 -5.78 -13.09
N THR F 232 10.23 -6.29 -14.03
CA THR F 232 10.67 -5.51 -15.16
C THR F 232 10.16 -6.14 -16.45
N ARG F 233 9.74 -5.27 -17.38
CA ARG F 233 9.07 -5.64 -18.64
C ARG F 233 9.62 -4.79 -19.77
N LYS F 234 9.73 -3.49 -19.53
CA LYS F 234 10.32 -2.54 -20.48
C LYS F 234 11.64 -3.08 -21.02
N PHE F 235 11.70 -3.22 -22.34
CA PHE F 235 12.80 -3.89 -22.99
C PHE F 235 14.13 -3.15 -22.93
N GLU F 236 14.11 -1.82 -23.08
CA GLU F 236 15.32 -0.98 -22.79
C GLU F 236 15.96 -1.37 -21.45
N ASP F 237 15.17 -1.41 -20.39
CA ASP F 237 15.70 -1.75 -19.07
C ASP F 237 16.26 -3.14 -18.97
N ILE F 238 15.53 -4.10 -19.52
CA ILE F 238 15.98 -5.48 -19.51
C ILE F 238 17.30 -5.59 -20.22
N ASN F 239 17.37 -4.99 -21.39
CA ASN F 239 18.54 -5.12 -22.23
C ASN F 239 19.74 -4.29 -21.78
N ASP F 240 19.50 -3.22 -21.04
CA ASP F 240 20.59 -2.34 -20.61
C ASP F 240 20.96 -2.46 -19.14
N LYS F 241 20.01 -2.81 -18.29
CA LYS F 241 20.30 -2.91 -16.85
C LYS F 241 20.34 -4.34 -16.33
N ILE F 242 19.25 -5.08 -16.50
CA ILE F 242 19.13 -6.44 -15.95
C ILE F 242 20.14 -7.42 -16.56
N ILE F 243 20.29 -7.42 -17.86
CA ILE F 243 21.15 -8.43 -18.46
C ILE F 243 22.65 -8.17 -18.21
N PRO F 244 23.13 -6.96 -18.49
CA PRO F 244 24.52 -6.67 -18.12
C PRO F 244 24.82 -7.01 -16.66
N LEU F 245 23.91 -6.63 -15.77
CA LEU F 245 24.09 -6.90 -14.35
C LEU F 245 24.35 -8.37 -14.06
N PHE F 246 23.60 -9.27 -14.66
CA PHE F 246 23.78 -10.70 -14.39
C PHE F 246 24.79 -11.38 -15.27
N ASN F 247 25.28 -10.73 -16.32
CA ASN F 247 26.46 -11.25 -17.03
C ASN F 247 27.68 -11.14 -16.12
N GLU F 248 27.70 -10.14 -15.24
CA GLU F 248 28.81 -9.92 -14.32
C GLU F 248 28.68 -10.73 -13.03
N TYR F 249 27.55 -10.60 -12.36
CA TYR F 249 27.30 -11.37 -11.16
C TYR F 249 26.41 -12.55 -11.52
N LYS F 250 27.03 -13.68 -11.82
CA LYS F 250 26.33 -14.73 -12.56
C LYS F 250 25.40 -15.47 -11.67
N ILE F 251 24.24 -15.87 -12.20
CA ILE F 251 23.34 -16.72 -11.45
C ILE F 251 23.85 -18.14 -11.58
N LYS F 252 23.36 -19.03 -10.74
CA LYS F 252 23.86 -20.39 -10.74
C LYS F 252 22.74 -21.38 -10.63
N GLY F 253 23.06 -22.61 -11.04
CA GLY F 253 22.09 -23.69 -11.06
C GLY F 253 21.44 -23.70 -12.42
N VAL F 254 20.36 -24.45 -12.54
CA VAL F 254 19.71 -24.62 -13.85
C VAL F 254 19.15 -23.31 -14.34
N LYS F 255 18.78 -22.46 -13.39
CA LYS F 255 18.28 -21.17 -13.74
C LYS F 255 19.28 -20.42 -14.61
N TYR F 256 20.57 -20.67 -14.48
CA TYR F 256 21.54 -20.11 -15.41
C TYR F 256 21.18 -20.36 -16.87
N LYS F 257 20.73 -21.57 -17.18
CA LYS F 257 20.37 -21.86 -18.55
C LYS F 257 19.14 -21.06 -18.98
N ASP F 258 18.18 -20.88 -18.07
CA ASP F 258 17.01 -20.08 -18.43
C ASP F 258 17.41 -18.66 -18.64
N PHE F 259 18.36 -18.17 -17.86
CA PHE F 259 18.90 -16.86 -18.12
C PHE F 259 19.63 -16.79 -19.44
N LYS F 260 20.42 -17.81 -19.80
CA LYS F 260 21.06 -17.84 -21.12
C LYS F 260 20.02 -17.82 -22.27
N ASP F 261 19.00 -18.66 -22.16
CA ASP F 261 17.98 -18.68 -23.20
C ASP F 261 17.23 -17.36 -23.30
N TRP F 262 16.85 -16.82 -22.15
CA TRP F 262 16.22 -15.50 -22.08
C TRP F 262 17.12 -14.46 -22.76
N SER F 263 18.41 -14.47 -22.45
CA SER F 263 19.37 -13.56 -23.06
C SER F 263 19.41 -13.69 -24.57
N LYS F 264 19.26 -14.92 -25.04
CA LYS F 264 19.27 -15.22 -26.46
C LYS F 264 18.05 -14.60 -27.13
N VAL F 265 16.89 -14.79 -26.53
CA VAL F 265 15.71 -14.16 -27.04
C VAL F 265 15.92 -12.63 -27.04
N ALA F 266 16.52 -12.11 -25.98
CA ALA F 266 16.66 -10.69 -25.91
C ALA F 266 17.50 -10.17 -27.05
N LYS F 267 18.53 -10.91 -27.47
CA LYS F 267 19.36 -10.44 -28.60
C LYS F 267 18.61 -10.42 -29.92
N MET F 268 17.75 -11.40 -30.11
CA MET F 268 16.90 -11.44 -31.30
C MET F 268 15.92 -10.27 -31.35
N ILE F 269 15.37 -9.94 -30.21
CA ILE F 269 14.52 -8.77 -30.15
C ILE F 269 15.32 -7.49 -30.40
N GLU F 270 16.57 -7.43 -29.96
CA GLU F 270 17.44 -6.23 -30.16
C GLU F 270 17.56 -5.96 -31.64
N SER F 271 17.95 -7.01 -32.38
CA SER F 271 18.06 -6.94 -33.83
C SER F 271 16.73 -6.95 -34.60
N LYS F 272 15.62 -6.69 -33.91
CA LYS F 272 14.29 -6.71 -34.53
C LYS F 272 13.81 -8.07 -35.10
N SER F 273 14.61 -9.12 -34.95
CA SER F 273 14.29 -10.45 -35.47
C SER F 273 12.98 -11.05 -34.99
N HIS F 274 12.51 -10.62 -33.83
CA HIS F 274 11.20 -11.07 -33.38
C HIS F 274 10.01 -10.69 -34.27
N LEU F 275 10.20 -9.82 -35.26
CA LEU F 275 9.10 -9.45 -36.18
C LEU F 275 9.12 -10.21 -37.52
N THR F 276 10.04 -11.16 -37.64
CA THR F 276 10.22 -12.06 -38.75
C THR F 276 9.54 -13.38 -38.40
N THR F 277 9.13 -14.17 -39.38
CA THR F 277 8.49 -15.44 -39.10
C THR F 277 9.44 -16.47 -38.52
N ASN F 278 10.62 -16.61 -39.11
CA ASN F 278 11.63 -17.53 -38.56
C ASN F 278 12.12 -17.13 -37.18
N GLY F 279 12.27 -15.82 -36.96
CA GLY F 279 12.72 -15.34 -35.65
C GLY F 279 11.71 -15.69 -34.59
N TYR F 280 10.44 -15.46 -34.91
CA TYR F 280 9.35 -15.86 -34.05
C TYR F 280 9.29 -17.37 -33.86
N LYS F 281 9.57 -18.13 -34.91
CA LYS F 281 9.60 -19.60 -34.77
C LYS F 281 10.72 -20.00 -33.80
N GLU F 282 11.91 -19.43 -33.96
CA GLU F 282 13.07 -19.79 -33.11
C GLU F 282 12.82 -19.43 -31.63
N ILE F 283 12.18 -18.31 -31.43
CA ILE F 283 11.89 -17.83 -30.09
C ILE F 283 10.87 -18.76 -29.43
N CYS F 284 9.84 -19.14 -30.16
CA CYS F 284 8.87 -20.09 -29.63
C CYS F 284 9.50 -21.41 -29.29
N LYS F 285 10.49 -21.82 -30.04
CA LYS F 285 11.16 -23.08 -29.78
C LYS F 285 11.92 -23.02 -28.50
N ILE F 286 12.70 -21.97 -28.36
CA ILE F 286 13.46 -21.69 -27.13
C ILE F 286 12.58 -21.66 -25.90
N LYS F 287 11.44 -21.01 -26.03
CA LYS F 287 10.51 -20.82 -24.97
C LYS F 287 9.89 -22.14 -24.49
N GLU F 288 9.55 -23.01 -25.43
CA GLU F 288 9.00 -24.34 -25.16
C GLU F 288 9.95 -25.24 -24.37
N ASN F 289 11.24 -24.92 -24.35
CA ASN F 289 12.20 -25.72 -23.60
C ASN F 289 12.86 -25.00 -22.42
N MET F 290 12.28 -23.93 -21.94
CA MET F 290 12.89 -23.30 -20.79
C MET F 290 12.01 -23.40 -19.55
N ASN F 291 12.61 -23.18 -18.39
CA ASN F 291 11.92 -23.16 -17.11
C ASN F 291 11.37 -24.54 -16.83
N SER F 292 10.11 -24.66 -16.46
CA SER F 292 9.58 -25.92 -16.05
C SER F 292 9.42 -26.90 -17.22
N TYR F 293 9.51 -26.43 -18.44
CA TYR F 293 9.58 -27.29 -19.62
C TYR F 293 10.95 -27.84 -19.98
N ARG F 294 11.97 -27.46 -19.23
CA ARG F 294 13.33 -27.88 -19.59
C ARG F 294 13.54 -29.37 -19.40
N LYS F 295 14.17 -29.97 -20.41
CA LYS F 295 14.25 -31.44 -20.63
C LYS F 295 14.22 -32.30 -19.36
CA CA G . -11.93 19.28 1.09
CA CA H . -12.31 12.48 -0.36
CA CA I . 11.62 -18.29 -0.20
CA CA J . 13.72 -21.62 -6.25
#